data_5NQF
#
_entry.id   5NQF
#
_cell.length_a   71.481
_cell.length_b   38.248
_cell.length_c   72.356
_cell.angle_alpha   90.00
_cell.angle_beta   98.55
_cell.angle_gamma   90.00
#
_symmetry.space_group_name_H-M   'P 1 21 1'
#
loop_
_entity.id
_entity.type
_entity.pdbx_description
1 polymer 'Apical membrane antigen 1'
2 polymer 'Rhoptry neck protein 2'
3 water water
#
loop_
_entity_poly.entity_id
_entity_poly.type
_entity_poly.pdbx_seq_one_letter_code
_entity_poly.pdbx_strand_id
1 'polypeptide(L)'
;EFIEIVERSNYMGNPWTEYMAKYDIEEVHGSGIRVDLGEDAEVAGTQYRLPSGKCPVFGKGIIIENSKTTFLKPVATGNQ
DLKDGGFAFPPTNPLISPMTLNGMRDFYKNNEYVKNLDELTLCSRHAGNMNPDNDKNSNYKYPAVYDYNDKKCHILYIAA
QENNGPRYCNKDQSKRNSMFCFRPAKDKLFENYVYLSKNVVDNWEEVCPRKNLENAKFGLWVDGNCEDIPHVNEFSANDL
FECNKLVFELSASDQPKQYEQHLTDYEKIKEGFKNKNADMIKSAFLPTGAFKADRYKSHGKGYNWGNYNRETQKCEIFNV
KPTCLINDKSYIATTALSHPIEVEHNFPGLEQKLISEEDLNSAVDHHHHHH
;
A
2 'polypeptide(L)' MDISQHATDIGMGPATSCYTSTIPPPKQVCIQQAVKATL B
#
# COMPACT_ATOMS: atom_id res chain seq x y z
N ARG A 8 18.51 16.83 28.75
CA ARG A 8 17.58 16.76 29.87
C ARG A 8 16.46 15.75 29.60
N SER A 9 15.53 15.56 30.58
CA SER A 9 14.50 14.54 30.48
C SER A 9 13.08 15.06 30.19
N ASN A 10 12.97 16.04 29.29
CA ASN A 10 11.70 16.65 28.88
C ASN A 10 10.71 15.66 28.22
N TYR A 11 11.20 14.56 27.62
CA TYR A 11 10.33 13.56 26.97
C TYR A 11 10.10 12.27 27.78
N MET A 12 10.65 12.19 29.02
CA MET A 12 10.50 11.02 29.90
C MET A 12 9.06 10.84 30.42
N GLY A 13 8.80 9.66 30.97
CA GLY A 13 7.53 9.27 31.58
C GLY A 13 6.31 9.49 30.71
N ASN A 14 6.44 9.14 29.42
CA ASN A 14 5.34 9.27 28.47
C ASN A 14 4.45 8.02 28.61
N PRO A 15 3.22 8.13 29.16
CA PRO A 15 2.37 6.91 29.25
C PRO A 15 1.83 6.43 27.89
N TRP A 16 2.02 7.25 26.83
CA TRP A 16 1.55 6.95 25.46
C TRP A 16 2.49 6.11 24.58
N THR A 17 3.78 5.92 24.96
CA THR A 17 4.82 5.24 24.17
C THR A 17 4.37 3.96 23.44
N GLU A 18 3.87 2.95 24.16
CA GLU A 18 3.41 1.69 23.53
C GLU A 18 2.23 1.93 22.59
N TYR A 19 1.25 2.69 23.06
CA TYR A 19 0.05 2.97 22.28
C TYR A 19 0.39 3.72 20.96
N MET A 20 1.34 4.67 21.03
CA MET A 20 1.68 5.54 19.92
C MET A 20 2.70 4.97 18.93
N ALA A 21 3.29 3.77 19.24
CA ALA A 21 4.29 3.11 18.40
C ALA A 21 3.79 2.90 16.95
N LYS A 22 2.51 2.52 16.76
CA LYS A 22 1.93 2.29 15.44
C LYS A 22 1.83 3.57 14.56
N TYR A 23 1.96 4.78 15.17
CA TYR A 23 1.89 6.05 14.45
C TYR A 23 3.28 6.55 14.04
N ASP A 24 4.33 5.78 14.41
CA ASP A 24 5.71 6.11 13.99
C ASP A 24 5.93 5.36 12.68
N ILE A 25 5.41 5.96 11.62
CA ILE A 25 5.34 5.45 10.26
C ILE A 25 6.73 5.13 9.66
N GLU A 26 7.80 5.92 9.96
CA GLU A 26 9.15 5.59 9.48
C GLU A 26 9.61 4.27 10.05
N GLU A 27 9.23 4.02 11.31
CA GLU A 27 9.62 2.81 11.99
C GLU A 27 8.76 1.60 11.58
N VAL A 28 7.42 1.70 11.68
CA VAL A 28 6.51 0.55 11.45
C VAL A 28 6.26 0.25 9.97
N HIS A 29 6.25 1.27 9.09
CA HIS A 29 6.01 1.08 7.66
C HIS A 29 7.34 1.14 6.90
N GLY A 30 8.11 2.22 7.11
CA GLY A 30 9.46 2.37 6.58
C GLY A 30 9.64 2.54 5.09
N SER A 31 8.57 2.95 4.38
CA SER A 31 8.63 3.18 2.93
C SER A 31 7.58 4.20 2.52
N GLY A 32 7.49 4.48 1.21
CA GLY A 32 6.46 5.35 0.69
C GLY A 32 5.06 4.78 0.91
N ILE A 33 4.06 5.66 0.92
CA ILE A 33 2.66 5.28 1.12
C ILE A 33 1.93 5.55 -0.19
N ARG A 34 1.85 6.83 -0.59
CA ARG A 34 1.23 7.26 -1.87
C ARG A 34 1.86 6.44 -2.99
N VAL A 35 3.20 6.42 -3.04
CA VAL A 35 4.00 5.61 -3.97
C VAL A 35 5.06 4.87 -3.15
N ASP A 36 4.98 3.55 -3.15
CA ASP A 36 5.90 2.70 -2.41
C ASP A 36 6.81 1.94 -3.39
N LEU A 37 8.10 2.30 -3.43
CA LEU A 37 9.14 1.67 -4.26
C LEU A 37 10.41 1.73 -3.39
N GLY A 38 10.26 1.29 -2.14
CA GLY A 38 11.30 1.37 -1.13
C GLY A 38 12.43 0.36 -1.20
N GLU A 39 12.34 -0.62 -2.09
CA GLU A 39 13.40 -1.60 -2.27
C GLU A 39 13.79 -1.78 -3.73
N ASP A 40 14.97 -2.37 -3.93
CA ASP A 40 15.48 -2.72 -5.24
C ASP A 40 15.63 -4.24 -5.33
N ALA A 41 15.41 -4.82 -6.51
CA ALA A 41 15.57 -6.26 -6.73
C ALA A 41 16.27 -6.51 -8.08
N GLU A 42 17.38 -7.26 -8.07
CA GLU A 42 18.13 -7.59 -9.27
C GLU A 42 17.49 -8.81 -9.94
N VAL A 43 17.14 -8.69 -11.23
CA VAL A 43 16.55 -9.77 -12.02
C VAL A 43 17.33 -9.87 -13.34
N ALA A 44 18.06 -10.99 -13.53
CA ALA A 44 18.88 -11.28 -14.72
C ALA A 44 19.77 -10.11 -15.19
N GLY A 45 20.44 -9.45 -14.24
CA GLY A 45 21.33 -8.33 -14.51
C GLY A 45 20.75 -6.94 -14.37
N THR A 46 19.41 -6.79 -14.60
CA THR A 46 18.71 -5.50 -14.49
C THR A 46 18.17 -5.25 -13.06
N GLN A 47 18.31 -4.01 -12.58
CA GLN A 47 17.81 -3.61 -11.25
C GLN A 47 16.39 -3.08 -11.38
N TYR A 48 15.49 -3.57 -10.53
CA TYR A 48 14.09 -3.14 -10.55
C TYR A 48 13.71 -2.56 -9.20
N ARG A 49 12.65 -1.75 -9.17
CA ARG A 49 12.15 -1.13 -7.95
C ARG A 49 10.89 -1.87 -7.53
N LEU A 50 10.68 -2.03 -6.24
CA LEU A 50 9.45 -2.70 -5.83
C LEU A 50 8.93 -2.20 -4.48
N PRO A 51 7.58 -2.24 -4.28
CA PRO A 51 7.00 -1.88 -2.97
C PRO A 51 7.58 -2.70 -1.83
N SER A 52 7.76 -2.05 -0.67
CA SER A 52 8.38 -2.68 0.49
C SER A 52 7.83 -2.26 1.86
N GLY A 53 6.78 -1.45 1.90
CA GLY A 53 6.18 -1.00 3.17
C GLY A 53 5.72 -2.16 4.04
N LYS A 54 5.96 -2.06 5.36
CA LYS A 54 5.57 -3.17 6.27
C LYS A 54 4.10 -3.13 6.68
N CYS A 55 3.40 -2.01 6.40
CA CYS A 55 1.99 -1.88 6.76
C CYS A 55 1.05 -1.99 5.57
N PRO A 56 -0.20 -2.50 5.78
CA PRO A 56 -1.18 -2.44 4.68
C PRO A 56 -1.66 -0.99 4.50
N VAL A 57 -1.98 -0.61 3.25
CA VAL A 57 -2.49 0.74 2.93
C VAL A 57 -4.00 0.62 2.63
N PHE A 58 -4.87 0.95 3.62
CA PHE A 58 -6.32 0.82 3.47
C PHE A 58 -6.97 1.88 2.53
N GLY A 59 -7.70 1.40 1.53
CA GLY A 59 -8.44 2.28 0.62
C GLY A 59 -7.66 2.80 -0.57
N LYS A 60 -6.43 2.31 -0.78
CA LYS A 60 -5.58 2.72 -1.91
C LYS A 60 -5.88 1.92 -3.18
N GLY A 61 -6.05 2.66 -4.25
CA GLY A 61 -6.18 2.12 -5.59
C GLY A 61 -5.43 2.99 -6.58
N ILE A 62 -5.35 2.53 -7.84
CA ILE A 62 -4.73 3.26 -8.94
C ILE A 62 -5.80 3.74 -9.94
N ILE A 63 -5.81 5.04 -10.22
CA ILE A 63 -6.72 5.61 -11.22
C ILE A 63 -5.95 5.63 -12.56
N ILE A 64 -6.50 4.96 -13.59
CA ILE A 64 -5.90 4.91 -14.94
C ILE A 64 -6.71 5.85 -15.84
N GLU A 65 -6.12 6.99 -16.26
CA GLU A 65 -6.73 7.96 -17.20
C GLU A 65 -8.23 8.15 -16.94
N ASN A 66 -8.57 8.64 -15.72
CA ASN A 66 -9.94 8.88 -15.20
C ASN A 66 -10.67 7.61 -14.75
N SER A 67 -10.37 6.44 -15.35
CA SER A 67 -11.05 5.19 -14.97
C SER A 67 -10.61 4.63 -13.63
N LYS A 68 -11.58 4.55 -12.69
CA LYS A 68 -11.44 4.02 -11.33
C LYS A 68 -11.90 2.55 -11.25
N THR A 69 -12.35 1.96 -12.39
CA THR A 69 -12.86 0.57 -12.45
C THR A 69 -11.98 -0.39 -13.31
N THR A 70 -10.76 0.01 -13.66
CA THR A 70 -9.91 -0.78 -14.55
C THR A 70 -8.63 -1.41 -13.91
N PHE A 71 -8.00 -0.80 -12.89
CA PHE A 71 -6.66 -1.28 -12.47
C PHE A 71 -6.59 -2.76 -12.01
N LEU A 72 -7.69 -3.35 -11.46
CA LEU A 72 -7.68 -4.78 -11.06
C LEU A 72 -7.96 -5.74 -12.24
N LYS A 73 -8.25 -5.19 -13.44
CA LYS A 73 -8.42 -6.05 -14.59
C LYS A 73 -7.03 -6.60 -14.99
N PRO A 74 -6.93 -7.85 -15.45
CA PRO A 74 -5.62 -8.36 -15.89
C PRO A 74 -4.91 -7.48 -16.93
N VAL A 75 -3.59 -7.51 -16.89
CA VAL A 75 -2.72 -6.80 -17.83
C VAL A 75 -2.98 -7.37 -19.25
N ALA A 76 -2.91 -6.51 -20.29
CA ALA A 76 -3.11 -6.87 -21.69
C ALA A 76 -2.11 -7.95 -22.13
N THR A 77 -2.63 -9.00 -22.78
CA THR A 77 -1.80 -10.10 -23.30
C THR A 77 -2.09 -10.39 -24.78
N GLY A 78 -1.16 -11.11 -25.43
CA GLY A 78 -1.25 -11.52 -26.83
C GLY A 78 -1.50 -10.41 -27.82
N ASN A 79 -2.69 -10.43 -28.44
CA ASN A 79 -3.13 -9.45 -29.45
C ASN A 79 -3.75 -8.19 -28.89
N GLN A 80 -4.09 -8.17 -27.57
CA GLN A 80 -4.72 -7.01 -26.92
C GLN A 80 -3.79 -5.81 -26.97
N ASP A 81 -4.39 -4.62 -27.06
CA ASP A 81 -3.64 -3.38 -26.99
C ASP A 81 -3.44 -3.09 -25.49
N LEU A 82 -2.29 -2.52 -25.12
CA LEU A 82 -1.92 -2.19 -23.74
C LEU A 82 -3.05 -1.54 -22.90
N LYS A 83 -3.79 -0.57 -23.50
CA LYS A 83 -4.87 0.16 -22.83
C LYS A 83 -6.14 -0.67 -22.62
N ASP A 84 -6.21 -1.90 -23.18
CA ASP A 84 -7.34 -2.80 -23.00
C ASP A 84 -7.26 -3.51 -21.63
N GLY A 85 -6.05 -3.62 -21.09
CA GLY A 85 -5.82 -4.28 -19.81
C GLY A 85 -5.58 -3.35 -18.64
N GLY A 86 -5.50 -3.95 -17.46
CA GLY A 86 -5.23 -3.24 -16.21
C GLY A 86 -3.85 -3.55 -15.68
N PHE A 87 -3.71 -3.73 -14.35
CA PHE A 87 -2.42 -3.96 -13.68
C PHE A 87 -2.21 -5.38 -13.12
N ALA A 88 -3.28 -6.16 -13.05
CA ALA A 88 -3.28 -7.47 -12.42
C ALA A 88 -2.65 -8.58 -13.22
N PHE A 89 -2.24 -9.65 -12.51
CA PHE A 89 -1.68 -10.84 -13.10
C PHE A 89 -2.68 -11.45 -14.07
N PRO A 90 -2.19 -11.83 -15.28
CA PRO A 90 -3.09 -12.43 -16.28
C PRO A 90 -3.45 -13.88 -15.91
N PRO A 91 -4.53 -14.49 -16.50
CA PRO A 91 -4.87 -15.88 -16.13
C PRO A 91 -3.78 -16.87 -16.49
N THR A 92 -3.55 -17.82 -15.59
CA THR A 92 -2.56 -18.89 -15.72
C THR A 92 -3.27 -20.24 -15.56
N ASN A 93 -2.56 -21.35 -15.87
CA ASN A 93 -3.06 -22.72 -15.73
C ASN A 93 -2.09 -23.50 -14.83
N PRO A 94 -2.45 -23.78 -13.56
CA PRO A 94 -3.72 -23.42 -12.88
C PRO A 94 -3.75 -21.93 -12.51
N LEU A 95 -4.95 -21.39 -12.23
CA LEU A 95 -5.14 -19.99 -11.87
C LEU A 95 -4.46 -19.64 -10.53
N ILE A 96 -3.64 -18.60 -10.54
CA ILE A 96 -2.98 -18.14 -9.31
C ILE A 96 -3.64 -16.85 -8.86
N SER A 97 -4.09 -16.03 -9.82
CA SER A 97 -4.70 -14.75 -9.53
C SER A 97 -5.88 -14.46 -10.47
N PRO A 98 -7.00 -13.89 -9.93
CA PRO A 98 -7.24 -13.65 -8.49
C PRO A 98 -7.54 -14.95 -7.74
N MET A 99 -7.48 -14.93 -6.41
CA MET A 99 -7.83 -16.09 -5.57
C MET A 99 -8.54 -15.59 -4.31
N THR A 100 -9.68 -16.21 -3.99
CA THR A 100 -10.45 -15.89 -2.78
C THR A 100 -9.66 -16.28 -1.53
N LEU A 101 -10.03 -15.72 -0.37
CA LEU A 101 -9.40 -16.10 0.89
C LEU A 101 -9.50 -17.62 1.14
N ASN A 102 -10.70 -18.19 0.91
CA ASN A 102 -10.94 -19.62 1.05
C ASN A 102 -10.08 -20.43 0.10
N GLY A 103 -9.93 -19.95 -1.14
CA GLY A 103 -9.08 -20.56 -2.15
C GLY A 103 -7.63 -20.62 -1.70
N MET A 104 -7.12 -19.51 -1.11
CA MET A 104 -5.75 -19.49 -0.62
C MET A 104 -5.57 -20.41 0.61
N ARG A 105 -6.56 -20.43 1.55
CA ARG A 105 -6.42 -21.29 2.74
C ARG A 105 -6.37 -22.76 2.32
N ASP A 106 -7.20 -23.12 1.31
CA ASP A 106 -7.23 -24.49 0.76
C ASP A 106 -5.91 -24.80 0.03
N PHE A 107 -5.44 -23.86 -0.80
CA PHE A 107 -4.19 -24.01 -1.57
C PHE A 107 -2.99 -24.30 -0.66
N TYR A 108 -2.91 -23.61 0.51
CA TYR A 108 -1.80 -23.75 1.45
C TYR A 108 -2.08 -24.65 2.68
N LYS A 109 -3.13 -25.51 2.62
CA LYS A 109 -3.57 -26.37 3.75
C LYS A 109 -2.47 -27.27 4.38
N ASN A 110 -1.42 -27.66 3.61
CA ASN A 110 -0.32 -28.49 4.15
C ASN A 110 0.82 -27.64 4.78
N ASN A 111 0.73 -26.32 4.59
CA ASN A 111 1.75 -25.37 5.09
C ASN A 111 1.29 -24.64 6.33
N GLU A 112 1.68 -25.17 7.50
CA GLU A 112 1.29 -24.60 8.81
C GLU A 112 1.85 -23.18 9.03
N TYR A 113 2.86 -22.74 8.25
CA TYR A 113 3.43 -21.40 8.37
C TYR A 113 2.67 -20.37 7.52
N VAL A 114 1.75 -20.83 6.67
CA VAL A 114 1.03 -19.96 5.74
C VAL A 114 -0.50 -20.00 5.92
N LYS A 115 -1.06 -21.22 6.07
CA LYS A 115 -2.50 -21.48 6.04
C LYS A 115 -3.37 -20.69 7.06
N ASN A 116 -2.79 -20.22 8.19
CA ASN A 116 -3.54 -19.53 9.24
C ASN A 116 -3.22 -18.02 9.32
N LEU A 117 -2.45 -17.52 8.35
CA LEU A 117 -2.10 -16.09 8.35
C LEU A 117 -3.37 -15.28 8.17
N ASP A 118 -3.39 -14.05 8.68
CA ASP A 118 -4.60 -13.23 8.46
C ASP A 118 -4.70 -12.95 6.93
N GLU A 119 -5.89 -12.59 6.45
CA GLU A 119 -6.23 -12.35 5.05
C GLU A 119 -5.21 -11.46 4.30
N LEU A 120 -4.80 -10.31 4.90
CA LEU A 120 -3.88 -9.39 4.25
C LEU A 120 -2.47 -9.97 4.13
N THR A 121 -1.94 -10.55 5.22
CA THR A 121 -0.61 -11.16 5.20
C THR A 121 -0.62 -12.37 4.24
N LEU A 122 -1.72 -13.18 4.28
CA LEU A 122 -1.85 -14.31 3.37
C LEU A 122 -1.83 -13.83 1.90
N CYS A 123 -2.57 -12.75 1.58
CA CYS A 123 -2.56 -12.20 0.21
C CYS A 123 -1.12 -11.79 -0.20
N SER A 124 -0.44 -11.06 0.68
CA SER A 124 0.96 -10.66 0.46
C SER A 124 1.87 -11.88 0.23
N ARG A 125 1.79 -12.91 1.10
N ARG A 125 1.78 -12.92 1.09
CA ARG A 125 2.64 -14.11 0.96
CA ARG A 125 2.60 -14.14 0.95
C ARG A 125 2.30 -14.91 -0.33
C ARG A 125 2.30 -14.88 -0.35
N HIS A 126 1.01 -14.97 -0.72
CA HIS A 126 0.57 -15.63 -1.96
C HIS A 126 1.13 -14.87 -3.18
N ALA A 127 1.10 -13.51 -3.14
CA ALA A 127 1.64 -12.70 -4.24
C ALA A 127 3.17 -12.89 -4.32
N GLY A 128 3.82 -13.10 -3.17
CA GLY A 128 5.27 -13.31 -3.10
C GLY A 128 5.73 -14.72 -3.44
N ASN A 129 4.78 -15.63 -3.69
CA ASN A 129 5.04 -17.05 -3.99
C ASN A 129 5.69 -17.29 -5.39
N MET A 130 4.96 -17.00 -6.49
CA MET A 130 5.47 -17.22 -7.85
C MET A 130 6.61 -16.27 -8.17
N ASN A 131 7.79 -16.85 -8.38
CA ASN A 131 8.99 -16.10 -8.68
C ASN A 131 9.39 -16.29 -10.15
N PRO A 132 9.70 -15.21 -10.90
CA PRO A 132 10.13 -15.36 -12.31
C PRO A 132 11.30 -16.32 -12.45
N ASP A 133 11.26 -17.22 -13.47
CA ASP A 133 12.35 -18.19 -13.73
C ASP A 133 13.67 -17.49 -14.08
N ASN A 134 13.61 -16.23 -14.59
CA ASN A 134 14.75 -15.36 -14.92
C ASN A 134 15.45 -14.88 -13.64
N ASP A 135 14.70 -14.82 -12.50
CA ASP A 135 15.18 -14.34 -11.19
C ASP A 135 15.88 -15.46 -10.38
N LYS A 136 17.15 -15.73 -10.70
CA LYS A 136 17.99 -16.77 -10.06
C LYS A 136 18.03 -16.75 -8.53
N ASN A 137 18.04 -15.54 -7.92
CA ASN A 137 18.14 -15.40 -6.47
C ASN A 137 16.83 -15.19 -5.73
N SER A 138 15.68 -15.30 -6.43
CA SER A 138 14.32 -15.11 -5.88
C SER A 138 14.15 -13.75 -5.15
N ASN A 139 14.65 -12.66 -5.77
CA ASN A 139 14.60 -11.32 -5.18
C ASN A 139 13.25 -10.64 -5.39
N TYR A 140 12.69 -10.80 -6.59
CA TYR A 140 11.49 -10.13 -7.01
C TYR A 140 10.22 -10.77 -6.47
N LYS A 141 9.43 -9.98 -5.71
CA LYS A 141 8.16 -10.40 -5.12
C LYS A 141 7.14 -9.33 -5.44
N TYR A 142 6.12 -9.73 -6.19
CA TYR A 142 5.05 -8.85 -6.64
C TYR A 142 4.21 -8.27 -5.49
N PRO A 143 3.72 -7.02 -5.63
CA PRO A 143 2.77 -6.47 -4.63
C PRO A 143 1.38 -7.05 -4.93
N ALA A 144 0.35 -6.73 -4.14
CA ALA A 144 -1.00 -7.23 -4.34
C ALA A 144 -2.04 -6.27 -3.82
N VAL A 145 -3.29 -6.47 -4.24
CA VAL A 145 -4.45 -5.74 -3.75
C VAL A 145 -5.42 -6.77 -3.20
N TYR A 146 -5.88 -6.55 -1.96
CA TYR A 146 -6.90 -7.40 -1.37
C TYR A 146 -8.21 -6.65 -1.44
N ASP A 147 -9.27 -7.30 -1.95
CA ASP A 147 -10.60 -6.69 -2.03
C ASP A 147 -11.55 -7.27 -0.99
N TYR A 148 -11.82 -6.50 0.08
CA TYR A 148 -12.72 -6.91 1.17
C TYR A 148 -14.17 -7.22 0.75
N ASN A 149 -14.66 -6.59 -0.33
CA ASN A 149 -16.01 -6.80 -0.85
C ASN A 149 -16.26 -8.27 -1.27
N ASP A 150 -15.34 -8.89 -2.02
CA ASP A 150 -15.55 -10.28 -2.38
C ASP A 150 -14.45 -11.23 -1.86
N LYS A 151 -13.59 -10.74 -0.92
CA LYS A 151 -12.51 -11.52 -0.27
C LYS A 151 -11.52 -12.10 -1.29
N LYS A 152 -11.17 -11.32 -2.30
CA LYS A 152 -10.26 -11.72 -3.36
C LYS A 152 -8.91 -11.04 -3.27
N CYS A 153 -7.85 -11.84 -3.42
CA CYS A 153 -6.47 -11.40 -3.48
C CYS A 153 -6.12 -11.26 -4.97
N HIS A 154 -5.69 -10.06 -5.40
CA HIS A 154 -5.30 -9.80 -6.80
C HIS A 154 -3.79 -9.53 -6.85
N ILE A 155 -3.01 -10.43 -7.46
CA ILE A 155 -1.56 -10.21 -7.61
C ILE A 155 -1.43 -9.15 -8.70
N LEU A 156 -0.58 -8.14 -8.46
CA LEU A 156 -0.40 -7.07 -9.44
C LEU A 156 0.84 -7.34 -10.24
N TYR A 157 0.70 -7.53 -11.56
CA TYR A 157 1.83 -7.73 -12.46
C TYR A 157 2.62 -6.40 -12.59
N ILE A 158 1.90 -5.27 -12.56
CA ILE A 158 2.51 -3.93 -12.61
C ILE A 158 2.66 -3.38 -11.19
N ALA A 159 3.92 -3.17 -10.76
CA ALA A 159 4.26 -2.63 -9.46
C ALA A 159 4.34 -1.09 -9.45
N ALA A 160 4.31 -0.48 -10.65
CA ALA A 160 4.30 0.98 -10.79
C ALA A 160 2.97 1.53 -10.24
N GLN A 161 3.02 2.71 -9.61
CA GLN A 161 1.83 3.31 -9.01
C GLN A 161 1.46 4.68 -9.58
N GLU A 162 2.43 5.35 -10.19
CA GLU A 162 2.23 6.68 -10.76
C GLU A 162 3.01 6.87 -12.07
N ASN A 163 2.37 7.52 -13.05
CA ASN A 163 2.91 7.88 -14.35
C ASN A 163 2.03 9.00 -14.95
N ASN A 164 2.42 10.26 -14.69
CA ASN A 164 1.75 11.50 -15.15
C ASN A 164 2.47 12.76 -14.66
N TYR A 168 6.03 10.75 -21.07
CA TYR A 168 6.25 9.32 -20.81
C TYR A 168 4.94 8.51 -20.87
N CYS A 169 3.81 9.21 -21.03
CA CYS A 169 2.49 8.62 -21.14
C CYS A 169 1.61 9.46 -22.08
N ASN A 170 0.69 8.81 -22.82
CA ASN A 170 -0.19 9.49 -23.77
C ASN A 170 -1.53 9.85 -23.13
N LYS A 175 -4.61 6.34 -29.10
CA LYS A 175 -3.38 5.56 -29.16
C LYS A 175 -3.45 4.43 -28.13
N ARG A 176 -4.10 3.32 -28.52
CA ARG A 176 -4.40 2.14 -27.71
C ARG A 176 -3.18 1.32 -27.22
N ASN A 177 -2.02 1.46 -27.90
CA ASN A 177 -0.82 0.70 -27.55
C ASN A 177 0.26 1.51 -26.81
N SER A 178 0.07 2.84 -26.72
CA SER A 178 0.99 3.71 -26.00
C SER A 178 0.76 3.52 -24.48
N MET A 179 1.76 3.87 -23.68
CA MET A 179 1.71 3.76 -22.23
C MET A 179 0.63 4.67 -21.61
N PHE A 180 -0.26 4.08 -20.80
CA PHE A 180 -1.34 4.82 -20.12
C PHE A 180 -0.81 5.72 -19.00
N CYS A 181 -1.55 6.79 -18.67
CA CYS A 181 -1.23 7.68 -17.56
C CYS A 181 -1.98 7.16 -16.33
N PHE A 182 -1.35 7.20 -15.16
CA PHE A 182 -2.00 6.71 -13.93
C PHE A 182 -1.50 7.39 -12.67
N ARG A 183 -2.32 7.37 -11.62
CA ARG A 183 -1.98 8.01 -10.34
C ARG A 183 -2.63 7.26 -9.16
N PRO A 184 -1.97 7.23 -7.97
CA PRO A 184 -2.59 6.56 -6.82
C PRO A 184 -3.59 7.48 -6.12
N ALA A 185 -4.59 6.91 -5.42
CA ALA A 185 -5.63 7.69 -4.74
C ALA A 185 -6.49 6.87 -3.79
N LYS A 186 -7.13 7.57 -2.84
CA LYS A 186 -8.19 7.03 -1.99
C LYS A 186 -9.42 7.52 -2.75
N ASP A 187 -10.46 6.70 -2.82
CA ASP A 187 -11.68 7.01 -3.57
C ASP A 187 -12.76 6.12 -3.03
N LYS A 188 -14.02 6.54 -3.14
CA LYS A 188 -15.17 5.73 -2.73
C LYS A 188 -15.10 4.34 -3.37
N LEU A 189 -14.71 4.24 -4.65
CA LEU A 189 -14.60 2.98 -5.39
C LEU A 189 -13.46 2.07 -4.87
N PHE A 190 -12.48 2.64 -4.13
CA PHE A 190 -11.35 1.87 -3.63
C PHE A 190 -11.45 1.60 -2.12
N GLU A 191 -12.56 2.02 -1.48
CA GLU A 191 -12.72 1.96 -0.02
C GLU A 191 -12.54 0.55 0.58
N ASN A 192 -12.87 -0.52 -0.17
CA ASN A 192 -12.70 -1.91 0.28
C ASN A 192 -11.39 -2.54 -0.17
N TYR A 193 -10.54 -1.80 -0.88
CA TYR A 193 -9.24 -2.31 -1.31
C TYR A 193 -8.21 -2.07 -0.24
N VAL A 194 -7.12 -2.86 -0.29
CA VAL A 194 -5.94 -2.77 0.55
C VAL A 194 -4.74 -3.00 -0.36
N TYR A 195 -3.84 -2.02 -0.43
CA TYR A 195 -2.62 -2.15 -1.22
C TYR A 195 -1.55 -2.79 -0.34
N LEU A 196 -1.01 -3.92 -0.80
CA LEU A 196 -0.06 -4.74 -0.04
C LEU A 196 1.26 -4.98 -0.72
N SER A 197 2.36 -4.56 -0.07
CA SER A 197 3.68 -4.86 -0.60
C SER A 197 4.04 -6.28 -0.14
N LYS A 198 5.17 -6.78 -0.63
CA LYS A 198 5.75 -8.09 -0.29
C LYS A 198 6.17 -8.18 1.18
N ASN A 199 6.32 -7.02 1.87
CA ASN A 199 6.83 -6.98 3.24
C ASN A 199 5.79 -6.80 4.34
N VAL A 200 4.48 -6.84 4.00
CA VAL A 200 3.40 -6.66 4.99
C VAL A 200 3.65 -7.60 6.19
N VAL A 201 3.78 -7.04 7.40
CA VAL A 201 4.06 -7.84 8.60
C VAL A 201 2.84 -8.63 9.08
N ASP A 202 3.10 -9.86 9.60
CA ASP A 202 2.03 -10.75 10.02
C ASP A 202 1.25 -10.26 11.25
N ASN A 203 1.78 -9.26 11.97
CA ASN A 203 1.12 -8.69 13.14
C ASN A 203 0.71 -7.21 12.89
N TRP A 204 0.42 -6.86 11.60
CA TRP A 204 0.00 -5.50 11.23
C TRP A 204 -1.17 -5.00 12.11
N GLU A 205 -2.09 -5.89 12.53
N GLU A 205 -2.09 -5.90 12.54
CA GLU A 205 -3.25 -5.54 13.36
CA GLU A 205 -3.26 -5.59 13.37
C GLU A 205 -2.80 -4.89 14.69
C GLU A 205 -2.82 -4.91 14.68
N GLU A 206 -1.69 -5.37 15.24
CA GLU A 206 -1.09 -4.85 16.48
C GLU A 206 -0.17 -3.63 16.29
N VAL A 207 0.63 -3.59 15.21
CA VAL A 207 1.65 -2.55 15.05
C VAL A 207 1.41 -1.50 13.92
N CYS A 208 0.29 -1.61 13.17
CA CYS A 208 0.04 -0.67 12.07
C CYS A 208 -1.27 0.09 12.29
N PRO A 209 -1.41 1.33 11.77
CA PRO A 209 -2.73 2.01 11.87
C PRO A 209 -3.82 1.32 11.04
N ARG A 210 -5.06 1.51 11.41
CA ARG A 210 -6.24 1.07 10.62
C ARG A 210 -7.40 2.03 10.85
N LYS A 211 -7.86 2.13 12.12
CA LYS A 211 -8.99 2.96 12.51
C LYS A 211 -8.61 4.42 12.70
N ASN A 212 -9.56 5.31 12.41
CA ASN A 212 -9.45 6.73 12.69
C ASN A 212 -9.87 6.86 14.16
N LEU A 213 -9.26 7.78 14.89
CA LEU A 213 -9.50 7.92 16.32
C LEU A 213 -10.46 9.06 16.61
N GLU A 214 -11.69 8.68 16.91
CA GLU A 214 -12.80 9.58 17.24
C GLU A 214 -12.54 10.29 18.57
N ASN A 215 -12.87 11.61 18.65
CA ASN A 215 -12.71 12.43 19.85
C ASN A 215 -11.24 12.52 20.30
N ALA A 216 -10.32 12.43 19.33
CA ALA A 216 -8.90 12.46 19.60
C ALA A 216 -8.16 13.29 18.58
N LYS A 217 -7.11 13.96 19.05
CA LYS A 217 -6.23 14.70 18.18
C LYS A 217 -4.81 14.34 18.54
N PHE A 218 -3.99 14.14 17.51
CA PHE A 218 -2.58 13.85 17.71
C PHE A 218 -1.91 15.07 18.30
N GLY A 219 -0.98 14.82 19.21
CA GLY A 219 -0.14 15.82 19.86
C GLY A 219 1.29 15.33 20.09
N LEU A 220 2.12 16.16 20.76
CA LEU A 220 3.51 15.86 21.12
C LEU A 220 3.69 15.92 22.66
N TRP A 221 4.18 14.81 23.27
CA TRP A 221 4.38 14.74 24.74
C TRP A 221 5.62 15.56 25.13
N VAL A 222 5.43 16.56 25.98
CA VAL A 222 6.47 17.50 26.46
C VAL A 222 6.21 17.77 27.94
N ASP A 223 7.24 17.66 28.80
CA ASP A 223 7.15 17.98 30.23
C ASP A 223 5.86 17.49 30.94
N GLY A 224 5.53 16.21 30.75
CA GLY A 224 4.37 15.59 31.38
C GLY A 224 3.01 16.02 30.87
N ASN A 225 2.94 16.60 29.65
CA ASN A 225 1.66 17.01 29.07
C ASN A 225 1.63 16.80 27.57
N CYS A 226 0.43 16.48 27.01
CA CYS A 226 0.28 16.33 25.57
C CYS A 226 -0.03 17.68 24.93
N GLU A 227 0.96 18.24 24.21
CA GLU A 227 0.86 19.55 23.55
C GLU A 227 0.41 19.43 22.09
N ASP A 228 -0.15 20.51 21.54
CA ASP A 228 -0.57 20.56 20.15
C ASP A 228 0.65 20.50 19.21
N ILE A 229 0.47 19.87 18.02
CA ILE A 229 1.46 19.87 16.93
C ILE A 229 1.72 21.39 16.70
N PRO A 230 2.97 21.91 16.84
CA PRO A 230 3.15 23.38 16.76
C PRO A 230 2.83 23.99 15.41
N HIS A 231 3.17 23.30 14.31
CA HIS A 231 2.88 23.81 12.98
C HIS A 231 2.14 22.79 12.15
N VAL A 232 1.00 23.19 11.60
CA VAL A 232 0.18 22.32 10.72
C VAL A 232 -0.15 23.03 9.38
N ASN A 233 -0.50 22.26 8.36
CA ASN A 233 -0.88 22.78 7.05
C ASN A 233 -2.38 22.54 6.90
N GLU A 234 -3.13 23.63 6.87
CA GLU A 234 -4.60 23.54 6.87
C GLU A 234 -5.23 23.44 5.49
N PHE A 235 -5.94 22.33 5.28
CA PHE A 235 -6.66 22.04 4.03
C PHE A 235 -8.13 21.87 4.41
N SER A 236 -9.02 22.54 3.71
CA SER A 236 -10.44 22.39 4.02
C SER A 236 -10.90 21.01 3.53
N ALA A 237 -11.78 20.35 4.28
CA ALA A 237 -12.26 19.01 3.93
C ALA A 237 -13.68 18.84 4.40
N ASN A 238 -14.59 18.42 3.50
CA ASN A 238 -16.01 18.30 3.84
C ASN A 238 -16.31 17.24 4.90
N ASP A 239 -15.49 16.18 4.96
CA ASP A 239 -15.70 15.09 5.91
C ASP A 239 -14.39 14.36 6.17
N LEU A 240 -14.42 13.33 7.06
CA LEU A 240 -13.24 12.52 7.37
C LEU A 240 -12.62 11.89 6.13
N PHE A 241 -13.47 11.34 5.21
CA PHE A 241 -13.00 10.71 3.97
C PHE A 241 -12.15 11.67 3.14
N GLU A 242 -12.63 12.91 2.94
CA GLU A 242 -11.90 13.92 2.20
C GLU A 242 -10.60 14.29 2.91
N CYS A 243 -10.60 14.31 4.25
CA CYS A 243 -9.36 14.58 4.99
C CYS A 243 -8.37 13.43 4.81
N ASN A 244 -8.86 12.18 4.88
CA ASN A 244 -7.99 11.01 4.67
C ASN A 244 -7.41 11.00 3.23
N LYS A 245 -8.19 11.42 2.22
CA LYS A 245 -7.73 11.46 0.83
C LYS A 245 -6.59 12.51 0.67
N LEU A 246 -6.74 13.67 1.32
CA LEU A 246 -5.74 14.75 1.27
C LEU A 246 -4.43 14.34 1.95
N VAL A 247 -4.53 13.68 3.15
CA VAL A 247 -3.32 13.19 3.85
C VAL A 247 -2.60 12.18 2.95
N PHE A 248 -3.33 11.24 2.35
CA PHE A 248 -2.77 10.25 1.41
C PHE A 248 -2.06 10.94 0.23
N GLU A 249 -2.72 11.96 -0.40
CA GLU A 249 -2.15 12.69 -1.54
C GLU A 249 -0.81 13.37 -1.15
N LEU A 250 -0.66 13.78 0.11
CA LEU A 250 0.57 14.46 0.54
C LEU A 250 1.58 13.59 1.24
N SER A 251 1.26 12.31 1.46
CA SER A 251 2.10 11.40 2.25
C SER A 251 3.40 10.95 1.57
N ALA A 252 4.24 10.19 2.35
CA ALA A 252 5.51 9.62 1.88
C ALA A 252 5.40 9.08 0.43
N SER A 253 6.30 9.54 -0.44
CA SER A 253 6.29 9.11 -1.85
C SER A 253 7.70 8.77 -2.32
N ASP A 254 7.84 7.60 -2.97
CA ASP A 254 9.08 7.09 -3.54
C ASP A 254 9.13 7.32 -5.03
N GLN A 255 8.20 8.13 -5.55
CA GLN A 255 8.14 8.48 -6.97
C GLN A 255 9.38 9.30 -7.37
N PRO A 256 10.03 9.00 -8.51
CA PRO A 256 11.18 9.82 -8.93
C PRO A 256 10.76 11.27 -9.16
N LYS A 257 11.49 12.17 -8.50
CA LYS A 257 11.26 13.60 -8.53
C LYS A 257 11.94 14.23 -9.74
N GLN A 258 12.95 13.52 -10.31
CA GLN A 258 13.73 13.95 -11.48
C GLN A 258 13.17 13.33 -12.76
N ARG A 295 18.09 7.70 -3.71
CA ARG A 295 17.74 9.12 -3.91
C ARG A 295 16.22 9.30 -3.99
N TYR A 296 15.52 8.37 -4.65
CA TYR A 296 14.07 8.42 -4.79
C TYR A 296 13.33 7.68 -3.64
N LYS A 297 14.01 7.37 -2.52
CA LYS A 297 13.42 6.65 -1.38
C LYS A 297 13.06 7.56 -0.21
N SER A 298 11.76 7.59 0.18
CA SER A 298 11.30 8.41 1.33
C SER A 298 11.62 7.74 2.63
N HIS A 299 11.72 6.39 2.64
CA HIS A 299 11.91 5.60 3.86
C HIS A 299 10.78 5.91 4.90
N GLY A 300 9.60 6.31 4.39
CA GLY A 300 8.44 6.64 5.22
C GLY A 300 8.28 8.08 5.64
N LYS A 301 9.24 8.95 5.30
CA LYS A 301 9.18 10.36 5.67
C LYS A 301 8.17 11.10 4.76
N GLY A 302 7.32 11.89 5.38
CA GLY A 302 6.32 12.70 4.68
C GLY A 302 5.17 13.18 5.54
N TYR A 303 4.20 13.88 4.91
CA TYR A 303 2.99 14.41 5.54
C TYR A 303 1.98 13.22 5.68
N ASN A 304 2.25 12.34 6.67
CA ASN A 304 1.50 11.09 6.83
C ASN A 304 0.32 11.14 7.80
N TRP A 305 0.20 12.23 8.56
CA TRP A 305 -0.81 12.39 9.61
C TRP A 305 -1.66 13.63 9.41
N GLY A 306 -2.91 13.56 9.87
CA GLY A 306 -3.84 14.68 9.84
C GLY A 306 -4.75 14.69 11.06
N ASN A 307 -4.99 15.89 11.61
CA ASN A 307 -5.95 16.10 12.67
C ASN A 307 -7.18 16.71 12.02
N TYR A 308 -8.24 15.93 11.91
CA TYR A 308 -9.47 16.42 11.30
C TYR A 308 -10.43 17.08 12.29
N ASN A 309 -10.59 18.42 12.17
CA ASN A 309 -11.60 19.11 12.94
C ASN A 309 -12.94 19.01 12.17
N ARG A 310 -13.88 18.16 12.67
CA ARG A 310 -15.18 17.94 12.03
CA ARG A 310 -15.20 17.92 12.05
C ARG A 310 -16.13 19.14 12.09
N GLU A 311 -15.91 20.08 13.03
CA GLU A 311 -16.75 21.26 13.19
C GLU A 311 -16.30 22.42 12.30
N THR A 312 -14.98 22.69 12.26
CA THR A 312 -14.45 23.75 11.39
C THR A 312 -14.22 23.19 9.97
N GLN A 313 -14.29 21.85 9.82
CA GLN A 313 -14.07 21.18 8.54
C GLN A 313 -12.65 21.48 8.00
N LYS A 314 -11.66 21.38 8.89
CA LYS A 314 -10.26 21.59 8.54
C LYS A 314 -9.45 20.31 8.73
N CYS A 315 -8.69 19.94 7.72
CA CYS A 315 -7.76 18.82 7.74
C CYS A 315 -6.38 19.44 8.06
N GLU A 316 -5.90 19.25 9.31
CA GLU A 316 -4.63 19.84 9.82
C GLU A 316 -3.52 18.82 9.61
N ILE A 317 -2.80 18.98 8.49
CA ILE A 317 -1.81 18.02 7.99
C ILE A 317 -0.38 18.37 8.46
N PHE A 318 0.36 17.34 8.90
CA PHE A 318 1.73 17.53 9.42
C PHE A 318 2.63 16.34 9.06
N ASN A 319 3.94 16.57 9.10
CA ASN A 319 4.98 15.62 8.71
C ASN A 319 5.93 15.19 9.84
N VAL A 320 5.56 15.43 11.12
CA VAL A 320 6.38 14.98 12.26
C VAL A 320 5.56 13.90 13.00
N LYS A 321 6.21 12.83 13.50
CA LYS A 321 5.44 11.79 14.18
C LYS A 321 4.79 12.27 15.49
N PRO A 322 3.49 11.94 15.70
CA PRO A 322 2.83 12.29 16.97
C PRO A 322 3.27 11.32 18.07
N THR A 323 3.29 11.79 19.33
CA THR A 323 3.77 10.96 20.44
C THR A 323 2.76 10.85 21.59
N CYS A 324 1.58 11.43 21.42
CA CYS A 324 0.46 11.32 22.38
C CYS A 324 -0.88 11.70 21.71
N LEU A 325 -1.97 11.54 22.46
CA LEU A 325 -3.33 11.96 22.02
C LEU A 325 -3.93 12.93 23.02
N ILE A 326 -4.69 13.90 22.51
CA ILE A 326 -5.49 14.87 23.28
C ILE A 326 -6.95 14.47 23.07
N ASN A 327 -7.73 14.41 24.14
CA ASN A 327 -9.15 14.10 24.06
C ASN A 327 -9.92 15.37 23.70
N ASP A 328 -10.40 15.46 22.45
CA ASP A 328 -11.15 16.64 21.98
C ASP A 328 -12.27 16.13 21.07
N LYS A 329 -13.56 16.34 21.47
CA LYS A 329 -14.74 15.89 20.75
C LYS A 329 -14.87 16.50 19.34
N SER A 330 -14.18 17.62 19.05
CA SER A 330 -14.23 18.23 17.71
C SER A 330 -13.34 17.48 16.70
N TYR A 331 -12.46 16.56 17.18
CA TYR A 331 -11.42 15.98 16.32
C TYR A 331 -11.51 14.49 16.04
N ILE A 332 -10.91 14.09 14.89
CA ILE A 332 -10.73 12.71 14.47
C ILE A 332 -9.28 12.61 13.97
N ALA A 333 -8.47 11.67 14.55
CA ALA A 333 -7.06 11.54 14.15
C ALA A 333 -6.94 10.50 13.06
N THR A 334 -6.43 10.92 11.89
CA THR A 334 -6.25 10.07 10.71
C THR A 334 -4.79 9.96 10.29
N THR A 335 -4.47 8.92 9.52
CA THR A 335 -3.14 8.76 8.91
C THR A 335 -3.37 8.39 7.44
N ALA A 336 -2.35 8.55 6.62
CA ALA A 336 -2.42 8.16 5.19
C ALA A 336 -2.65 6.64 5.06
N LEU A 337 -2.14 5.83 6.03
CA LEU A 337 -2.34 4.38 5.99
C LEU A 337 -3.75 3.96 6.41
N SER A 338 -4.43 4.79 7.25
CA SER A 338 -5.74 4.48 7.81
C SER A 338 -6.84 4.36 6.79
N HIS A 339 -7.85 3.53 7.13
CA HIS A 339 -9.09 3.35 6.39
C HIS A 339 -9.78 4.73 6.29
N PRO A 340 -10.34 5.11 5.11
CA PRO A 340 -10.95 6.47 5.02
C PRO A 340 -12.28 6.65 5.79
N ILE A 341 -12.87 5.55 6.31
CA ILE A 341 -14.20 5.61 7.00
C ILE A 341 -14.20 5.17 8.46
N GLU A 342 -13.68 3.96 8.74
CA GLU A 342 -13.72 3.30 10.04
C GLU A 342 -13.20 4.15 11.18
N VAL A 343 -13.97 4.23 12.27
CA VAL A 343 -13.54 4.95 13.46
C VAL A 343 -13.52 4.01 14.68
N GLU A 344 -12.73 4.37 15.70
CA GLU A 344 -12.61 3.71 16.99
C GLU A 344 -13.15 4.76 17.96
N HIS A 345 -14.41 4.56 18.41
CA HIS A 345 -15.16 5.50 19.27
C HIS A 345 -14.53 5.77 20.63
N ASN A 346 -13.82 4.80 21.17
CA ASN A 346 -13.24 4.88 22.50
C ASN A 346 -11.89 5.58 22.57
N PHE A 347 -11.74 6.44 23.61
CA PHE A 347 -10.52 7.12 23.94
C PHE A 347 -9.78 6.20 24.95
N PRO A 348 -8.44 5.95 24.88
CA PRO A 348 -7.41 6.49 23.98
C PRO A 348 -7.77 6.57 22.50
N ILE B 3 13.76 6.86 -20.65
CA ILE B 3 12.51 6.22 -21.05
C ILE B 3 12.51 4.75 -20.63
N SER B 4 13.61 4.02 -20.94
CA SER B 4 13.79 2.64 -20.48
C SER B 4 14.11 2.78 -18.99
N GLN B 5 14.97 3.78 -18.65
CA GLN B 5 15.37 4.14 -17.30
C GLN B 5 14.14 4.65 -16.52
N HIS B 6 13.31 5.51 -17.16
CA HIS B 6 12.07 6.04 -16.56
C HIS B 6 11.10 4.92 -16.15
N ALA B 7 10.91 3.92 -17.03
CA ALA B 7 10.03 2.77 -16.75
C ALA B 7 10.52 2.02 -15.50
N THR B 8 11.86 1.87 -15.35
CA THR B 8 12.50 1.24 -14.20
C THR B 8 12.36 2.12 -12.93
N ASP B 9 12.50 3.46 -13.10
CA ASP B 9 12.42 4.41 -12.00
C ASP B 9 11.00 4.52 -11.42
N ILE B 10 9.96 4.27 -12.23
CA ILE B 10 8.56 4.31 -11.79
C ILE B 10 8.05 2.95 -11.28
N GLY B 11 8.85 1.90 -11.41
CA GLY B 11 8.46 0.59 -10.89
C GLY B 11 8.02 -0.49 -11.85
N MET B 12 8.16 -0.27 -13.20
CA MET B 12 7.81 -1.31 -14.19
C MET B 12 8.78 -2.49 -13.99
N GLY B 13 8.22 -3.69 -13.91
CA GLY B 13 8.96 -4.92 -13.63
C GLY B 13 9.48 -5.67 -14.83
N PRO B 14 10.13 -6.84 -14.60
CA PRO B 14 10.71 -7.60 -15.73
C PRO B 14 9.67 -8.23 -16.66
N ALA B 15 10.01 -8.32 -17.97
CA ALA B 15 9.16 -8.99 -18.96
C ALA B 15 9.38 -10.48 -18.64
N THR B 16 8.36 -11.12 -18.09
CA THR B 16 8.46 -12.49 -17.61
C THR B 16 7.36 -13.36 -18.15
N SER B 17 7.71 -14.59 -18.54
CA SER B 17 6.76 -15.55 -19.08
C SER B 17 6.46 -16.70 -18.12
N CYS B 18 7.50 -17.35 -17.58
CA CYS B 18 7.37 -18.50 -16.68
C CYS B 18 7.83 -18.21 -15.25
N TYR B 19 7.11 -18.82 -14.29
CA TYR B 19 7.32 -18.67 -12.84
C TYR B 19 7.40 -20.01 -12.14
N THR B 20 8.10 -20.04 -11.01
CA THR B 20 8.20 -21.20 -10.13
C THR B 20 7.94 -20.74 -8.70
N SER B 21 7.13 -21.53 -7.98
CA SER B 21 6.77 -21.27 -6.58
C SER B 21 7.99 -21.26 -5.69
N THR B 22 7.96 -20.43 -4.65
CA THR B 22 9.01 -20.38 -3.64
C THR B 22 8.49 -21.07 -2.37
N ILE B 23 7.16 -21.35 -2.33
CA ILE B 23 6.49 -22.08 -1.26
C ILE B 23 6.27 -23.51 -1.79
N PRO B 24 6.71 -24.57 -1.07
CA PRO B 24 6.55 -25.95 -1.59
C PRO B 24 5.09 -26.35 -1.90
N PRO B 25 4.81 -27.20 -2.92
CA PRO B 25 5.76 -27.91 -3.82
C PRO B 25 6.19 -27.13 -5.06
N PRO B 26 7.43 -27.36 -5.61
CA PRO B 26 7.86 -26.63 -6.81
C PRO B 26 6.97 -26.89 -8.02
N LYS B 27 6.32 -25.82 -8.52
N LYS B 27 6.34 -25.82 -8.54
CA LYS B 27 5.39 -25.88 -9.66
CA LYS B 27 5.44 -25.89 -9.67
C LYS B 27 5.63 -24.72 -10.64
C LYS B 27 5.62 -24.73 -10.64
N GLN B 28 5.78 -25.05 -11.94
CA GLN B 28 5.96 -24.09 -13.01
C GLN B 28 4.61 -23.58 -13.48
N VAL B 29 4.52 -22.27 -13.71
CA VAL B 29 3.31 -21.60 -14.19
C VAL B 29 3.75 -20.61 -15.26
N CYS B 30 3.15 -20.68 -16.45
CA CYS B 30 3.53 -19.78 -17.54
C CYS B 30 2.37 -18.95 -18.05
N ILE B 31 2.66 -17.74 -18.54
CA ILE B 31 1.65 -16.91 -19.17
C ILE B 31 1.64 -17.40 -20.65
N GLN B 32 0.52 -18.05 -21.05
CA GLN B 32 0.31 -18.64 -22.39
C GLN B 32 0.55 -17.65 -23.55
N GLN B 33 0.05 -16.40 -23.41
CA GLN B 33 0.25 -15.33 -24.40
C GLN B 33 1.06 -14.21 -23.77
N ALA B 34 2.09 -13.71 -24.48
CA ALA B 34 3.00 -12.66 -24.02
C ALA B 34 2.30 -11.36 -23.56
N VAL B 35 2.82 -10.73 -22.49
CA VAL B 35 2.30 -9.49 -21.94
C VAL B 35 2.68 -8.32 -22.88
N LYS B 36 1.67 -7.50 -23.29
CA LYS B 36 1.84 -6.36 -24.19
C LYS B 36 2.81 -5.31 -23.60
N ALA B 37 3.97 -5.14 -24.26
CA ALA B 37 5.03 -4.20 -23.87
C ALA B 37 5.18 -3.08 -24.89
#